data_6VIP
#
_entry.id   6VIP
#
_cell.length_a   57.887
_cell.length_b   60.156
_cell.length_c   69.721
_cell.angle_alpha   90.000
_cell.angle_beta   90.000
_cell.angle_gamma   90.000
#
_symmetry.space_group_name_H-M   'P 21 21 21'
#
loop_
_entity.id
_entity.type
_entity.pdbx_description
1 polymer 'TP53-binding protein 1'
2 non-polymer {4-[(3,5-dimethyl-1H-pyrazol-1-yl)methyl]phenyl}(4-ethylpiperazin-1-yl)methanone
3 non-polymer 'UNKNOWN ATOM OR ION'
4 water water
#
_entity_poly.entity_id   1
_entity_poly.type   'polypeptide(L)'
_entity_poly.pdbx_seq_one_letter_code
;GGNSFVGLRVVAKWSSNGYFYSGKITRDVGAGKYKLLFDDGYECDVLGKDILLCDPIPLDTEVTALSEDEYFSAGVVKGH
RKESGELYYSIEKEGQRKWYKRMAVILSLEQGNRLREQYGLGPYE
;
_entity_poly.pdbx_strand_id   A,B
#
# COMPACT_ATOMS: atom_id res chain seq x y z
N SER A 4 -12.02 -17.52 0.80
CA SER A 4 -10.62 -17.03 0.60
C SER A 4 -10.55 -15.51 0.73
N PHE A 5 -11.67 -14.78 0.51
CA PHE A 5 -11.76 -13.32 0.77
C PHE A 5 -12.19 -13.08 2.21
N VAL A 6 -12.48 -14.14 2.96
CA VAL A 6 -13.04 -14.04 4.34
C VAL A 6 -11.95 -13.52 5.28
N GLY A 7 -12.28 -12.46 6.02
CA GLY A 7 -11.39 -11.83 7.00
C GLY A 7 -10.61 -10.67 6.39
N LEU A 8 -10.65 -10.51 5.07
CA LEU A 8 -9.89 -9.41 4.40
C LEU A 8 -10.62 -8.09 4.62
N ARG A 9 -9.83 -7.04 4.84
CA ARG A 9 -10.33 -5.65 4.92
C ARG A 9 -10.59 -5.13 3.52
N VAL A 10 -11.69 -4.37 3.40
CA VAL A 10 -12.19 -3.78 2.15
C VAL A 10 -12.74 -2.39 2.46
N VAL A 11 -12.98 -1.65 1.41
CA VAL A 11 -13.75 -0.38 1.47
C VAL A 11 -14.92 -0.62 0.52
N ALA A 12 -16.14 -0.56 1.03
CA ALA A 12 -17.31 -1.08 0.28
C ALA A 12 -18.46 -0.06 0.30
N LYS A 13 -19.16 -0.01 -0.81
CA LYS A 13 -20.27 0.96 -0.99
C LYS A 13 -21.43 0.59 -0.08
N TRP A 14 -21.88 1.56 0.69
CA TRP A 14 -23.14 1.49 1.45
C TRP A 14 -24.19 2.16 0.57
N SER A 15 -25.20 1.40 0.12
CA SER A 15 -26.08 1.84 -1.01
C SER A 15 -26.89 3.09 -0.60
N SER A 16 -27.21 3.24 0.69
CA SER A 16 -28.09 4.32 1.20
C SER A 16 -27.55 5.70 0.79
N ASN A 17 -26.25 5.95 0.89
CA ASN A 17 -25.68 7.28 0.51
C ASN A 17 -24.64 7.18 -0.62
N GLY A 18 -24.28 5.99 -1.08
CA GLY A 18 -23.34 5.78 -2.20
C GLY A 18 -21.87 5.98 -1.81
N TYR A 19 -21.56 6.24 -0.54
CA TYR A 19 -20.16 6.33 -0.08
C TYR A 19 -19.66 4.93 0.24
N PHE A 20 -18.35 4.77 0.11
CA PHE A 20 -17.63 3.51 0.45
C PHE A 20 -17.00 3.66 1.83
N TYR A 21 -17.22 2.65 2.68
CA TYR A 21 -16.79 2.64 4.09
C TYR A 21 -15.94 1.42 4.37
N SER A 22 -15.07 1.58 5.36
N SER A 22 -15.04 1.55 5.34
CA SER A 22 -14.14 0.53 5.85
CA SER A 22 -14.09 0.47 5.70
C SER A 22 -14.92 -0.66 6.42
C SER A 22 -14.84 -0.65 6.44
N GLY A 23 -14.51 -1.88 6.10
CA GLY A 23 -15.09 -3.07 6.75
C GLY A 23 -14.31 -4.31 6.40
N LYS A 24 -14.89 -5.46 6.71
CA LYS A 24 -14.26 -6.78 6.49
C LYS A 24 -15.26 -7.71 5.81
N ILE A 25 -14.79 -8.54 4.91
CA ILE A 25 -15.62 -9.66 4.37
C ILE A 25 -15.71 -10.74 5.45
N THR A 26 -16.93 -11.12 5.83
CA THR A 26 -17.17 -12.15 6.88
C THR A 26 -17.65 -13.45 6.25
N ARG A 27 -18.19 -13.42 5.03
CA ARG A 27 -18.76 -14.63 4.36
C ARG A 27 -18.93 -14.36 2.86
N ASP A 28 -18.62 -15.34 2.01
CA ASP A 28 -19.12 -15.40 0.61
C ASP A 28 -20.55 -15.98 0.65
N VAL A 29 -21.56 -15.19 0.27
CA VAL A 29 -23.00 -15.58 0.39
C VAL A 29 -23.56 -15.88 -1.00
N GLY A 30 -22.68 -15.95 -2.01
CA GLY A 30 -23.04 -16.29 -3.40
C GLY A 30 -23.89 -15.21 -4.02
N ALA A 31 -24.37 -15.44 -5.24
CA ALA A 31 -25.18 -14.46 -6.02
C ALA A 31 -24.36 -13.18 -6.23
N GLY A 32 -23.03 -13.32 -6.32
CA GLY A 32 -22.07 -12.21 -6.53
C GLY A 32 -21.96 -11.29 -5.33
N LYS A 33 -22.42 -11.72 -4.14
CA LYS A 33 -22.46 -10.90 -2.90
C LYS A 33 -21.57 -11.52 -1.83
N TYR A 34 -21.08 -10.67 -0.94
CA TYR A 34 -20.30 -11.05 0.26
C TYR A 34 -21.00 -10.43 1.46
N LYS A 35 -21.08 -11.14 2.58
CA LYS A 35 -21.45 -10.52 3.87
C LYS A 35 -20.28 -9.64 4.33
N LEU A 36 -20.54 -8.35 4.51
CA LEU A 36 -19.55 -7.38 5.06
C LEU A 36 -19.95 -7.04 6.48
N LEU A 37 -18.98 -6.92 7.37
CA LEU A 37 -19.12 -6.25 8.67
C LEU A 37 -18.38 -4.93 8.56
N PHE A 38 -19.11 -3.84 8.46
CA PHE A 38 -18.50 -2.49 8.42
C PHE A 38 -17.93 -2.20 9.80
N ASP A 39 -16.88 -1.38 9.86
CA ASP A 39 -16.23 -1.03 11.14
C ASP A 39 -17.22 -0.34 12.08
N ASP A 40 -18.29 0.30 11.56
CA ASP A 40 -19.28 1.02 12.40
C ASP A 40 -20.38 0.05 12.86
N GLY A 41 -20.19 -1.27 12.69
CA GLY A 41 -21.09 -2.30 13.27
C GLY A 41 -22.23 -2.70 12.35
N TYR A 42 -22.31 -2.18 11.12
CA TYR A 42 -23.36 -2.57 10.16
C TYR A 42 -22.96 -3.83 9.38
N GLU A 43 -23.80 -4.86 9.44
CA GLU A 43 -23.66 -6.10 8.64
C GLU A 43 -24.58 -5.97 7.43
N CYS A 44 -24.06 -6.10 6.22
CA CYS A 44 -24.79 -5.89 4.96
C CYS A 44 -24.26 -6.90 3.96
N ASP A 45 -25.13 -7.35 3.04
CA ASP A 45 -24.67 -8.13 1.88
C ASP A 45 -24.39 -7.12 0.78
N VAL A 46 -23.22 -7.18 0.18
CA VAL A 46 -22.77 -6.17 -0.81
C VAL A 46 -22.27 -6.90 -2.06
N LEU A 47 -22.59 -6.36 -3.23
CA LEU A 47 -22.10 -6.90 -4.54
C LEU A 47 -20.58 -6.78 -4.61
N GLY A 48 -19.91 -7.79 -5.18
CA GLY A 48 -18.46 -7.73 -5.49
C GLY A 48 -18.09 -6.44 -6.20
N LYS A 49 -18.88 -5.98 -7.16
CA LYS A 49 -18.55 -4.78 -7.98
C LYS A 49 -18.46 -3.55 -7.06
N ASP A 50 -19.02 -3.62 -5.85
CA ASP A 50 -19.09 -2.47 -4.92
C ASP A 50 -18.09 -2.61 -3.79
N ILE A 51 -17.16 -3.56 -3.90
CA ILE A 51 -16.16 -3.89 -2.84
C ILE A 51 -14.78 -3.60 -3.40
N LEU A 52 -14.04 -2.74 -2.73
CA LEU A 52 -12.63 -2.43 -3.06
C LEU A 52 -11.75 -3.21 -2.10
N LEU A 53 -10.96 -4.14 -2.64
CA LEU A 53 -9.94 -4.91 -1.88
C LEU A 53 -8.69 -4.06 -1.80
N CYS A 54 -8.73 -2.91 -1.10
CA CYS A 54 -7.53 -2.10 -0.80
C CYS A 54 -7.49 -1.86 0.71
N ASP A 55 -6.36 -2.22 1.28
CA ASP A 55 -6.07 -2.13 2.71
C ASP A 55 -4.56 -1.96 2.83
N PRO A 56 -4.02 -0.75 2.98
CA PRO A 56 -4.77 0.50 3.12
C PRO A 56 -5.19 1.13 1.79
N ILE A 57 -6.05 2.15 1.86
CA ILE A 57 -6.30 3.03 0.71
C ILE A 57 -4.95 3.62 0.33
N PRO A 58 -4.55 3.58 -0.96
CA PRO A 58 -3.20 3.96 -1.31
C PRO A 58 -2.88 5.45 -1.13
N LEU A 59 -1.60 5.73 -0.93
CA LEU A 59 -1.05 7.09 -1.02
C LEU A 59 -1.52 7.76 -2.30
N ASP A 60 -1.84 9.05 -2.17
CA ASP A 60 -2.20 9.96 -3.28
C ASP A 60 -3.65 9.70 -3.73
N THR A 61 -4.42 8.86 -3.06
CA THR A 61 -5.85 8.73 -3.34
C THR A 61 -6.62 9.94 -2.82
N GLU A 62 -7.58 10.41 -3.62
CA GLU A 62 -8.57 11.39 -3.17
C GLU A 62 -9.67 10.66 -2.40
N VAL A 63 -9.88 11.12 -1.18
CA VAL A 63 -10.80 10.49 -0.20
C VAL A 63 -11.66 11.57 0.42
N THR A 64 -12.55 11.14 1.30
CA THR A 64 -13.35 12.05 2.13
C THR A 64 -13.04 11.71 3.59
N ALA A 65 -12.82 12.69 4.43
CA ALA A 65 -12.45 12.40 5.82
C ALA A 65 -13.40 13.13 6.75
N LEU A 66 -13.86 12.39 7.73
CA LEU A 66 -14.78 12.90 8.77
C LEU A 66 -14.01 13.45 9.97
N SER A 67 -14.43 14.60 10.49
CA SER A 67 -14.11 15.07 11.87
C SER A 67 -15.04 14.37 12.86
N GLU A 68 -14.79 14.52 14.18
CA GLU A 68 -15.58 13.87 15.27
C GLU A 68 -17.04 14.35 15.24
N ASP A 69 -17.28 15.60 14.83
CA ASP A 69 -18.64 16.23 14.83
C ASP A 69 -19.36 15.94 13.51
N GLU A 70 -18.87 14.97 12.71
CA GLU A 70 -19.51 14.44 11.48
C GLU A 70 -19.39 15.45 10.33
N TYR A 71 -18.55 16.48 10.44
CA TYR A 71 -18.21 17.37 9.30
C TYR A 71 -17.20 16.63 8.44
N PHE A 72 -17.32 16.74 7.14
CA PHE A 72 -16.43 16.03 6.20
C PHE A 72 -16.05 16.95 5.06
N SER A 73 -14.97 16.60 4.41
CA SER A 73 -14.53 17.26 3.16
C SER A 73 -13.53 16.35 2.48
N ALA A 74 -13.25 16.62 1.24
CA ALA A 74 -12.29 15.86 0.42
C ALA A 74 -10.86 16.17 0.87
N GLY A 75 -9.99 15.17 0.71
CA GLY A 75 -8.55 15.36 0.88
C GLY A 75 -7.81 14.28 0.16
N VAL A 76 -6.50 14.31 0.35
CA VAL A 76 -5.60 13.36 -0.34
C VAL A 76 -4.79 12.60 0.70
N VAL A 77 -4.71 11.30 0.52
CA VAL A 77 -3.90 10.45 1.43
C VAL A 77 -2.41 10.76 1.22
N LYS A 78 -1.75 11.22 2.26
CA LYS A 78 -0.30 11.51 2.20
C LYS A 78 0.47 10.63 3.18
N GLY A 79 -0.19 9.80 3.97
CA GLY A 79 0.57 8.90 4.86
C GLY A 79 -0.31 7.85 5.45
N HIS A 80 0.34 6.85 6.02
CA HIS A 80 -0.26 5.72 6.77
C HIS A 80 0.53 5.55 8.04
N ARG A 81 -0.10 5.14 9.12
CA ARG A 81 0.64 4.82 10.36
C ARG A 81 -0.15 3.74 11.08
N LYS A 82 0.50 2.66 11.50
CA LYS A 82 -0.10 1.63 12.37
C LYS A 82 0.25 1.91 13.83
N GLU A 83 -0.73 1.81 14.73
CA GLU A 83 -0.53 1.88 16.20
C GLU A 83 -1.39 0.84 16.90
N SER A 84 -0.77 -0.08 17.65
CA SER A 84 -1.48 -1.12 18.43
C SER A 84 -2.55 -1.75 17.55
N GLY A 85 -2.14 -2.15 16.34
CA GLY A 85 -2.96 -2.92 15.39
C GLY A 85 -3.98 -2.07 14.64
N GLU A 86 -4.05 -0.75 14.92
CA GLU A 86 -5.04 0.19 14.32
C GLU A 86 -4.36 1.07 13.28
N LEU A 87 -5.07 1.43 12.22
CA LEU A 87 -4.48 2.17 11.09
C LEU A 87 -4.97 3.61 11.15
N TYR A 88 -4.08 4.57 10.95
CA TYR A 88 -4.35 6.01 10.82
C TYR A 88 -3.89 6.44 9.41
N TYR A 89 -4.65 7.36 8.84
CA TYR A 89 -4.33 7.99 7.54
C TYR A 89 -3.96 9.44 7.78
N SER A 90 -2.92 9.91 7.12
CA SER A 90 -2.59 11.35 7.09
C SER A 90 -3.26 11.93 5.86
N ILE A 91 -4.24 12.82 6.08
CA ILE A 91 -5.07 13.35 4.97
C ILE A 91 -4.76 14.84 4.84
N GLU A 92 -4.42 15.26 3.63
CA GLU A 92 -4.11 16.67 3.33
C GLU A 92 -5.39 17.32 2.78
N LYS A 93 -5.81 18.36 3.46
CA LYS A 93 -7.01 19.15 3.08
C LYS A 93 -6.53 20.59 2.98
N GLU A 94 -6.76 21.26 1.85
CA GLU A 94 -6.40 22.69 1.69
C GLU A 94 -4.95 22.89 2.16
N GLY A 95 -4.04 21.98 1.80
CA GLY A 95 -2.61 22.14 2.07
C GLY A 95 -2.18 21.79 3.49
N GLN A 96 -3.09 21.31 4.34
CA GLN A 96 -2.81 21.02 5.76
C GLN A 96 -3.13 19.56 6.07
N ARG A 97 -2.32 18.90 6.88
CA ARG A 97 -2.51 17.45 7.16
C ARG A 97 -2.97 17.24 8.61
N LYS A 98 -3.87 16.27 8.76
CA LYS A 98 -4.24 15.69 10.06
C LYS A 98 -4.27 14.18 9.92
N TRP A 99 -4.12 13.49 11.04
CA TRP A 99 -4.25 12.02 11.12
C TRP A 99 -5.71 11.69 11.45
N TYR A 100 -6.24 10.72 10.74
CA TYR A 100 -7.63 10.21 10.91
C TYR A 100 -7.59 8.71 11.11
N LYS A 101 -8.40 8.21 12.04
CA LYS A 101 -8.57 6.77 12.19
C LYS A 101 -9.17 6.16 10.91
N ARG A 102 -8.91 4.89 10.69
CA ARG A 102 -9.34 4.17 9.47
C ARG A 102 -10.81 4.46 9.20
N MET A 103 -11.66 4.31 10.20
CA MET A 103 -13.11 4.32 9.89
C MET A 103 -13.60 5.73 9.59
N ALA A 104 -12.83 6.79 9.87
CA ALA A 104 -13.16 8.20 9.52
C ALA A 104 -12.82 8.49 8.04
N VAL A 105 -12.21 7.58 7.31
CA VAL A 105 -11.84 7.83 5.90
C VAL A 105 -12.76 7.02 5.01
N ILE A 106 -13.49 7.74 4.17
CA ILE A 106 -14.54 7.15 3.31
C ILE A 106 -14.32 7.65 1.89
N LEU A 107 -15.02 7.08 0.94
CA LEU A 107 -14.93 7.51 -0.46
C LEU A 107 -16.31 7.91 -0.95
N SER A 108 -16.42 9.05 -1.58
CA SER A 108 -17.64 9.38 -2.36
C SER A 108 -17.79 8.35 -3.48
N LEU A 109 -18.94 8.35 -4.13
CA LEU A 109 -19.17 7.39 -5.23
C LEU A 109 -18.12 7.61 -6.34
N GLU A 110 -17.86 8.86 -6.67
CA GLU A 110 -16.84 9.24 -7.70
C GLU A 110 -15.45 8.77 -7.21
N GLN A 111 -15.11 9.04 -5.95
CA GLN A 111 -13.78 8.64 -5.44
C GLN A 111 -13.63 7.12 -5.45
N GLY A 112 -14.66 6.38 -5.08
CA GLY A 112 -14.60 4.91 -5.05
C GLY A 112 -14.53 4.35 -6.46
N ASN A 113 -15.34 4.92 -7.36
N ASN A 113 -15.30 4.93 -7.37
CA ASN A 113 -15.39 4.53 -8.79
CA ASN A 113 -15.35 4.42 -8.77
C ASN A 113 -13.97 4.49 -9.35
C ASN A 113 -13.96 4.50 -9.41
N ARG A 114 -13.15 5.49 -9.01
CA ARG A 114 -11.75 5.67 -9.51
C ARG A 114 -10.87 4.47 -9.15
N LEU A 115 -11.19 3.71 -8.10
CA LEU A 115 -10.35 2.59 -7.63
C LEU A 115 -10.88 1.23 -8.11
N ARG A 116 -12.05 1.19 -8.77
CA ARG A 116 -12.75 -0.08 -9.12
C ARG A 116 -11.88 -0.94 -10.06
N GLU A 117 -11.28 -0.33 -11.07
CA GLU A 117 -10.49 -1.06 -12.10
C GLU A 117 -9.36 -1.83 -11.42
N GLN A 118 -8.67 -1.22 -10.46
CA GLN A 118 -7.49 -1.82 -9.78
C GLN A 118 -7.90 -2.71 -8.60
N TYR A 119 -8.90 -2.31 -7.79
CA TYR A 119 -9.16 -2.96 -6.48
C TYR A 119 -10.53 -3.63 -6.40
N GLY A 120 -11.39 -3.45 -7.39
CA GLY A 120 -12.78 -3.95 -7.37
C GLY A 120 -12.88 -5.47 -7.41
N LEU A 121 -13.93 -6.03 -6.82
CA LEU A 121 -14.32 -7.48 -6.91
C LEU A 121 -15.43 -7.64 -7.97
N GLY A 122 -16.10 -8.80 -7.99
CA GLY A 122 -17.11 -9.11 -9.02
C GLY A 122 -16.52 -8.98 -10.43
N PRO A 123 -17.06 -8.10 -11.30
CA PRO A 123 -16.57 -7.98 -12.68
C PRO A 123 -15.14 -7.45 -12.77
N ASN B 3 6.19 -1.40 -22.88
CA ASN B 3 5.86 -2.46 -21.89
C ASN B 3 5.13 -1.82 -20.70
N SER B 4 4.15 -2.53 -20.12
CA SER B 4 3.24 -2.07 -19.05
C SER B 4 4.01 -1.69 -17.78
N PHE B 5 5.14 -2.36 -17.49
CA PHE B 5 5.92 -2.22 -16.22
C PHE B 5 6.95 -1.10 -16.31
N VAL B 6 7.19 -0.53 -17.49
CA VAL B 6 8.18 0.59 -17.61
C VAL B 6 7.66 1.79 -16.82
N GLY B 7 8.54 2.42 -16.04
CA GLY B 7 8.23 3.59 -15.21
C GLY B 7 7.79 3.20 -13.81
N LEU B 8 7.50 1.91 -13.57
CA LEU B 8 6.98 1.49 -12.23
C LEU B 8 8.14 1.43 -11.25
N ARG B 9 7.88 1.88 -10.02
CA ARG B 9 8.82 1.68 -8.89
C ARG B 9 8.72 0.25 -8.37
N VAL B 10 9.86 -0.33 -8.10
CA VAL B 10 10.01 -1.74 -7.67
C VAL B 10 11.08 -1.82 -6.58
N VAL B 11 11.18 -2.99 -5.99
CA VAL B 11 12.32 -3.34 -5.12
C VAL B 11 12.92 -4.59 -5.75
N ALA B 12 14.15 -4.48 -6.19
CA ALA B 12 14.74 -5.47 -7.12
C ALA B 12 16.08 -5.97 -6.59
N LYS B 13 16.36 -7.27 -6.79
CA LYS B 13 17.61 -7.90 -6.34
C LYS B 13 18.79 -7.35 -7.12
N TRP B 14 19.83 -6.99 -6.37
CA TRP B 14 21.20 -6.72 -6.85
C TRP B 14 22.02 -8.00 -6.67
N SER B 15 22.50 -8.59 -7.76
CA SER B 15 23.11 -9.95 -7.75
C SER B 15 24.32 -9.99 -6.79
N SER B 16 25.07 -8.89 -6.71
CA SER B 16 26.38 -8.82 -5.98
C SER B 16 26.25 -9.24 -4.51
N ASN B 17 25.13 -8.94 -3.83
CA ASN B 17 24.94 -9.26 -2.39
C ASN B 17 23.58 -9.93 -2.11
N GLY B 18 22.69 -10.07 -3.11
CA GLY B 18 21.40 -10.76 -2.92
C GLY B 18 20.35 -9.91 -2.19
N TYR B 19 20.65 -8.65 -1.85
CA TYR B 19 19.65 -7.73 -1.25
C TYR B 19 18.85 -7.06 -2.37
N PHE B 20 17.61 -6.71 -2.02
CA PHE B 20 16.66 -6.03 -2.90
C PHE B 20 16.70 -4.55 -2.55
N TYR B 21 16.82 -3.71 -3.57
CA TYR B 21 16.95 -2.25 -3.45
C TYR B 21 15.87 -1.55 -4.27
N SER B 22 15.48 -0.38 -3.79
N SER B 22 15.45 -0.37 -3.81
CA SER B 22 14.52 0.49 -4.48
CA SER B 22 14.39 0.43 -4.48
C SER B 22 15.04 0.89 -5.86
C SER B 22 14.93 1.01 -5.80
N GLY B 23 14.17 0.81 -6.86
CA GLY B 23 14.49 1.33 -8.20
C GLY B 23 13.24 1.44 -9.03
N LYS B 24 13.44 1.61 -10.33
CA LYS B 24 12.39 1.80 -11.34
C LYS B 24 12.73 0.93 -12.54
N ILE B 25 11.72 0.32 -13.13
CA ILE B 25 11.94 -0.38 -14.41
C ILE B 25 12.00 0.68 -15.52
N THR B 26 13.08 0.64 -16.32
CA THR B 26 13.27 1.62 -17.42
C THR B 26 13.05 0.99 -18.79
N ARG B 27 13.18 -0.34 -18.94
CA ARG B 27 13.06 -1.03 -20.26
C ARG B 27 12.61 -2.48 -20.04
N ASP B 28 11.73 -3.00 -20.90
CA ASP B 28 11.51 -4.47 -21.04
C ASP B 28 12.56 -4.98 -22.03
N VAL B 29 13.53 -5.77 -21.56
CA VAL B 29 14.64 -6.34 -22.39
C VAL B 29 14.28 -7.78 -22.79
N GLY B 30 12.99 -8.14 -22.76
CA GLY B 30 12.46 -9.39 -23.35
C GLY B 30 12.64 -10.60 -22.44
N ALA B 31 11.82 -11.62 -22.66
CA ALA B 31 11.82 -12.92 -21.95
C ALA B 31 11.97 -12.70 -20.44
N GLY B 32 10.99 -12.00 -19.83
CA GLY B 32 10.86 -11.83 -18.37
C GLY B 32 12.08 -11.17 -17.75
N LYS B 33 12.77 -10.32 -18.50
CA LYS B 33 13.96 -9.59 -18.02
C LYS B 33 13.71 -8.09 -18.23
N TYR B 34 14.15 -7.27 -17.26
CA TYR B 34 13.87 -5.82 -17.22
C TYR B 34 15.16 -5.08 -16.90
N LYS B 35 15.31 -3.90 -17.49
CA LYS B 35 16.41 -3.00 -17.09
C LYS B 35 15.91 -2.17 -15.91
N LEU B 36 16.73 -2.10 -14.87
CA LEU B 36 16.53 -1.36 -13.61
C LEU B 36 17.35 -0.07 -13.62
N LEU B 37 16.76 1.01 -13.14
CA LEU B 37 17.52 2.17 -12.62
C LEU B 37 17.29 2.15 -11.11
N PHE B 38 18.30 1.75 -10.36
CA PHE B 38 18.21 1.81 -8.89
C PHE B 38 18.25 3.27 -8.44
N ASP B 39 17.66 3.55 -7.29
CA ASP B 39 17.62 4.94 -6.77
C ASP B 39 19.06 5.44 -6.56
N ASP B 40 20.03 4.57 -6.32
CA ASP B 40 21.43 5.01 -6.06
C ASP B 40 22.17 5.27 -7.39
N GLY B 41 21.52 5.06 -8.54
CA GLY B 41 22.08 5.39 -9.87
C GLY B 41 22.59 4.17 -10.63
N TYR B 42 22.74 3.01 -9.98
N TYR B 42 22.72 3.02 -9.96
CA TYR B 42 23.21 1.77 -10.63
CA TYR B 42 23.17 1.73 -10.57
C TYR B 42 22.14 1.27 -11.59
C TYR B 42 22.12 1.29 -11.60
N GLU B 43 22.58 0.76 -12.74
CA GLU B 43 21.70 0.19 -13.77
C GLU B 43 22.17 -1.21 -14.09
N CYS B 44 21.25 -2.15 -14.17
CA CYS B 44 21.54 -3.48 -14.71
C CYS B 44 20.23 -4.15 -15.09
N ASP B 45 20.37 -5.32 -15.71
CA ASP B 45 19.22 -6.17 -16.07
C ASP B 45 18.91 -7.08 -14.88
N VAL B 46 17.62 -7.25 -14.60
CA VAL B 46 17.13 -8.13 -13.50
C VAL B 46 16.02 -9.02 -14.05
N LEU B 47 16.04 -10.31 -13.68
CA LEU B 47 14.94 -11.25 -14.01
C LEU B 47 13.69 -10.82 -13.25
N GLY B 48 12.53 -10.95 -13.88
CA GLY B 48 11.22 -10.62 -13.29
C GLY B 48 11.03 -11.34 -11.97
N LYS B 49 11.53 -12.55 -11.82
CA LYS B 49 11.30 -13.33 -10.56
C LYS B 49 11.95 -12.59 -9.39
N ASP B 50 12.97 -11.75 -9.66
CA ASP B 50 13.75 -11.03 -8.61
C ASP B 50 13.33 -9.56 -8.53
N ILE B 51 12.18 -9.22 -9.06
CA ILE B 51 11.61 -7.86 -9.00
C ILE B 51 10.32 -7.90 -8.22
N LEU B 52 10.22 -7.13 -7.14
CA LEU B 52 8.98 -6.98 -6.34
C LEU B 52 8.28 -5.69 -6.75
N LEU B 53 6.99 -5.78 -7.10
N LEU B 53 7.04 -5.82 -7.23
CA LEU B 53 6.22 -4.65 -7.69
CA LEU B 53 6.22 -4.68 -7.66
C LEU B 53 5.57 -3.80 -6.58
C LEU B 53 5.39 -4.22 -6.45
N CYS B 54 6.08 -3.86 -5.36
CA CYS B 54 5.45 -3.13 -4.23
C CYS B 54 6.02 -1.72 -4.19
N ASP B 55 5.13 -0.74 -4.21
CA ASP B 55 5.43 0.69 -4.12
C ASP B 55 4.23 1.26 -3.41
N PRO B 56 4.26 1.44 -2.08
CA PRO B 56 5.40 1.15 -1.22
C PRO B 56 5.48 -0.29 -0.73
N ILE B 57 6.60 -0.61 -0.09
CA ILE B 57 6.71 -1.86 0.69
C ILE B 57 5.59 -1.83 1.71
N PRO B 58 4.81 -2.92 1.89
CA PRO B 58 3.63 -2.79 2.74
C PRO B 58 3.92 -2.63 4.23
N LEU B 59 2.96 -2.06 4.93
CA LEU B 59 2.95 -2.06 6.40
C LEU B 59 3.15 -3.48 6.93
N ASP B 60 3.89 -3.57 8.04
CA ASP B 60 4.15 -4.81 8.81
C ASP B 60 5.18 -5.70 8.12
N THR B 61 5.83 -5.22 7.08
CA THR B 61 6.94 -5.94 6.42
C THR B 61 8.22 -5.80 7.25
N GLU B 62 8.93 -6.91 7.46
CA GLU B 62 10.29 -6.85 8.04
C GLU B 62 11.26 -6.42 6.93
N VAL B 63 12.05 -5.42 7.21
CA VAL B 63 12.98 -4.79 6.25
C VAL B 63 14.32 -4.54 6.94
N THR B 64 15.27 -4.09 6.16
CA THR B 64 16.60 -3.65 6.65
C THR B 64 16.69 -2.16 6.36
N ALA B 65 17.04 -1.36 7.35
CA ALA B 65 17.03 0.10 7.23
C ALA B 65 18.44 0.63 7.44
N LEU B 66 18.99 1.34 6.47
CA LEU B 66 20.40 1.82 6.48
C LEU B 66 20.44 3.22 7.08
N SER B 67 21.44 3.49 7.90
CA SER B 67 21.74 4.84 8.45
C SER B 67 23.20 4.82 8.94
N GLU B 68 23.97 5.86 8.64
CA GLU B 68 25.41 5.93 9.05
C GLU B 68 25.52 5.89 10.58
N ASP B 69 24.55 6.43 11.32
CA ASP B 69 24.57 6.53 12.81
C ASP B 69 23.95 5.28 13.44
N GLU B 70 23.78 4.21 12.67
CA GLU B 70 23.23 2.92 13.18
C GLU B 70 24.13 1.78 12.72
N TYR B 71 24.29 0.78 13.59
CA TYR B 71 24.81 -0.57 13.26
C TYR B 71 23.75 -1.23 12.37
N PHE B 72 24.19 -1.88 11.29
CA PHE B 72 23.33 -2.58 10.30
C PHE B 72 22.22 -3.34 11.02
N SER B 73 20.95 -3.01 10.77
CA SER B 73 19.83 -3.57 11.56
C SER B 73 18.46 -3.55 10.86
N ALA B 74 17.66 -4.48 11.31
CA ALA B 74 16.33 -4.82 10.78
C ALA B 74 15.26 -4.12 11.61
N GLY B 75 14.11 -3.94 11.00
CA GLY B 75 12.93 -3.43 11.70
C GLY B 75 11.70 -3.74 10.92
N VAL B 76 10.58 -3.19 11.33
CA VAL B 76 9.27 -3.49 10.72
C VAL B 76 8.64 -2.17 10.25
N VAL B 77 8.14 -2.18 9.03
CA VAL B 77 7.44 -0.98 8.48
C VAL B 77 6.17 -0.73 9.26
N LYS B 78 6.05 0.45 9.86
CA LYS B 78 4.84 0.83 10.60
C LYS B 78 4.21 2.09 10.02
N GLY B 79 4.78 2.65 8.97
CA GLY B 79 4.12 3.79 8.32
C GLY B 79 4.77 4.19 7.03
N HIS B 80 4.05 5.05 6.33
CA HIS B 80 4.51 5.64 5.06
C HIS B 80 4.16 7.12 5.08
N ARG B 81 4.95 7.96 4.46
CA ARG B 81 4.52 9.34 4.22
C ARG B 81 5.18 9.86 2.94
N LYS B 82 4.47 10.79 2.30
CA LYS B 82 5.00 11.52 1.14
C LYS B 82 5.25 12.96 1.54
N GLU B 83 6.42 13.48 1.22
CA GLU B 83 6.75 14.91 1.45
C GLU B 83 7.58 15.39 0.27
N SER B 84 7.15 16.48 -0.37
CA SER B 84 7.84 17.05 -1.57
C SER B 84 7.99 15.95 -2.63
N GLY B 85 6.99 15.08 -2.79
CA GLY B 85 6.95 14.03 -3.82
C GLY B 85 7.79 12.80 -3.47
N GLU B 86 8.47 12.78 -2.32
CA GLU B 86 9.41 11.72 -1.89
C GLU B 86 8.72 10.83 -0.85
N LEU B 87 8.96 9.53 -0.90
CA LEU B 87 8.42 8.56 0.08
C LEU B 87 9.40 8.34 1.22
N TYR B 88 8.87 8.30 2.43
CA TYR B 88 9.58 7.93 3.67
C TYR B 88 8.82 6.78 4.32
N TYR B 89 9.57 5.90 4.94
CA TYR B 89 9.06 4.75 5.72
C TYR B 89 9.31 5.03 7.19
N SER B 90 8.32 4.71 8.02
CA SER B 90 8.50 4.64 9.49
C SER B 90 8.85 3.20 9.81
N ILE B 91 10.00 3.00 10.46
CA ILE B 91 10.55 1.66 10.79
C ILE B 91 10.62 1.53 12.29
N GLU B 92 10.01 0.48 12.81
CA GLU B 92 10.02 0.20 14.26
C GLU B 92 11.15 -0.79 14.55
N LYS B 93 12.00 -0.43 15.53
CA LYS B 93 13.13 -1.23 16.08
C LYS B 93 13.07 -1.05 17.59
N GLU B 94 12.94 -2.16 18.33
CA GLU B 94 13.02 -2.19 19.81
C GLU B 94 12.06 -1.17 20.42
N GLY B 95 10.81 -1.14 19.95
CA GLY B 95 9.69 -0.36 20.51
C GLY B 95 9.75 1.13 20.18
N GLN B 96 10.68 1.55 19.31
CA GLN B 96 10.80 2.96 18.90
C GLN B 96 10.77 3.01 17.37
N ARG B 97 10.59 4.19 16.84
CA ARG B 97 10.44 4.34 15.38
C ARG B 97 11.35 5.43 14.85
N LYS B 98 11.65 5.34 13.58
CA LYS B 98 12.43 6.36 12.87
C LYS B 98 11.94 6.41 11.43
N TRP B 99 11.91 7.60 10.86
CA TRP B 99 11.56 7.79 9.44
C TRP B 99 12.83 7.68 8.61
N TYR B 100 12.78 6.87 7.55
CA TYR B 100 13.89 6.67 6.60
C TYR B 100 13.43 7.01 5.20
N LYS B 101 14.29 7.62 4.40
CA LYS B 101 13.99 7.82 2.98
C LYS B 101 13.85 6.46 2.29
N ARG B 102 13.05 6.44 1.23
CA ARG B 102 12.76 5.23 0.44
C ARG B 102 14.04 4.43 0.17
N MET B 103 15.08 5.09 -0.33
CA MET B 103 16.24 4.32 -0.84
C MET B 103 17.09 3.75 0.31
N ALA B 104 16.84 4.15 1.56
CA ALA B 104 17.54 3.58 2.73
C ALA B 104 16.91 2.28 3.21
N VAL B 105 15.79 1.86 2.63
CA VAL B 105 15.10 0.63 3.09
C VAL B 105 15.34 -0.43 2.03
N ILE B 106 15.94 -1.53 2.47
CA ILE B 106 16.34 -2.63 1.56
C ILE B 106 15.81 -3.93 2.15
N LEU B 107 15.86 -5.00 1.39
CA LEU B 107 15.38 -6.33 1.87
C LEU B 107 16.51 -7.33 1.71
N SER B 108 16.82 -8.07 2.75
CA SER B 108 17.65 -9.28 2.60
C SER B 108 16.92 -10.28 1.70
N LEU B 109 17.62 -11.34 1.32
CA LEU B 109 16.97 -12.39 0.50
C LEU B 109 15.77 -12.95 1.27
N GLU B 110 15.93 -13.23 2.56
CA GLU B 110 14.83 -13.79 3.39
C GLU B 110 13.67 -12.79 3.42
N GLN B 111 13.96 -11.49 3.60
CA GLN B 111 12.89 -10.48 3.70
C GLN B 111 12.17 -10.34 2.35
N GLY B 112 12.90 -10.42 1.25
CA GLY B 112 12.30 -10.35 -0.09
C GLY B 112 11.51 -11.60 -0.42
N ASN B 113 12.01 -12.74 0.01
CA ASN B 113 11.28 -14.01 -0.20
C ASN B 113 9.87 -13.90 0.36
N ARG B 114 9.69 -13.24 1.49
CA ARG B 114 8.36 -13.12 2.14
C ARG B 114 7.37 -12.43 1.19
N LEU B 115 7.85 -11.54 0.33
CA LEU B 115 6.97 -10.73 -0.54
C LEU B 115 6.82 -11.33 -1.95
N ARG B 116 7.63 -12.33 -2.29
CA ARG B 116 7.78 -12.72 -3.72
C ARG B 116 6.48 -13.31 -4.28
N GLU B 117 5.78 -14.15 -3.52
CA GLU B 117 4.52 -14.78 -4.03
C GLU B 117 3.53 -13.69 -4.43
N GLN B 118 3.33 -12.70 -3.58
CA GLN B 118 2.29 -11.67 -3.78
C GLN B 118 2.77 -10.62 -4.79
N TYR B 119 4.05 -10.20 -4.72
CA TYR B 119 4.51 -8.98 -5.41
C TYR B 119 5.50 -9.26 -6.53
N GLY B 120 6.06 -10.46 -6.62
CA GLY B 120 7.06 -10.79 -7.63
C GLY B 120 6.49 -10.69 -9.04
N LEU B 121 7.34 -10.30 -9.98
CA LEU B 121 7.10 -10.31 -11.45
C LEU B 121 7.52 -11.68 -12.02
N GLY B 122 7.78 -11.83 -13.34
CA GLY B 122 8.29 -13.09 -13.92
C GLY B 122 7.33 -14.27 -13.73
N PRO B 123 7.79 -15.51 -13.44
CA PRO B 123 6.91 -16.60 -13.01
C PRO B 123 5.94 -16.24 -11.88
#